data_3N9K
#
_entry.id   3N9K
#
_cell.length_a   58.725
_cell.length_b   64.397
_cell.length_c   94.866
_cell.angle_alpha   90.00
_cell.angle_beta   90.00
_cell.angle_gamma   90.00
#
_symmetry.space_group_name_H-M   'P 21 21 21'
#
loop_
_entity.id
_entity.type
_entity.pdbx_description
1 polymer 'Glucan 1,3-beta-glucosidase'
2 branched beta-D-glucopyranose-(1-3)-beta-D-glucopyranose-(1-3)-beta-D-glucopyranose
3 branched beta-D-glucopyranose-(1-3)-beta-D-glucopyranose
4 non-polymer 'CALCIUM ION'
5 water water
#
_entity_poly.entity_id   1
_entity_poly.type   'polypeptide(L)'
_entity_poly.pdbx_seq_one_letter_code
;GGHNVAWDYDNNVIRGVNLGGWFVLEPYMTPSLFEPFQNGNDQSGVPVDEYHWTQTLGKEAALRILQKHWSTWITEQDFK
QISNLGLNFVRIPIGYWAFQLLDNDPYVQGQVQYLEKALGWARKNNIRVWIDLHGAPGSQNGFDNSGLRDSYNFQNGDNT
QVTLNVLNTIFKKYGGNEYSDVVIGIELLNEPLGPVLNMDKLKQFFLDGYNSLRQTGSVTPVIIHDAAQVFGYWNNFLTV
AEGQWNVVVDHHHYQVFSGGELSRNINDHISVACNWGWDAKKESHWNVAGSWSAALTDCAKWLNGVNRGARYEGAYDNAP
YIGSCQPLLDISQWSDEHKTDTRRYIEAQLDAFEYTGGWVFWSWKTENAPEWSFQTLTYNGLFPQPVTDRQFPNQCGFH
;
_entity_poly.pdbx_strand_id   A
#
loop_
_chem_comp.id
_chem_comp.type
_chem_comp.name
_chem_comp.formula
BGC D-saccharide, beta linking beta-D-glucopyranose 'C6 H12 O6'
CA non-polymer 'CALCIUM ION' 'Ca 2'
#
# COMPACT_ATOMS: atom_id res chain seq x y z
N ALA A 6 -14.48 12.11 -11.80
CA ALA A 6 -13.38 13.07 -11.38
C ALA A 6 -12.03 12.52 -11.88
N TRP A 7 -12.15 11.39 -12.56
CA TRP A 7 -10.99 10.69 -13.10
C TRP A 7 -11.47 9.93 -14.31
N ASP A 8 -10.68 9.93 -15.39
CA ASP A 8 -10.92 9.07 -16.55
C ASP A 8 -10.11 7.76 -16.53
N TYR A 9 -10.68 6.65 -16.01
CA TYR A 9 -9.90 5.41 -15.94
C TYR A 9 -9.54 4.83 -17.29
N ASP A 10 -10.29 5.22 -18.32
CA ASP A 10 -9.96 4.74 -19.70
C ASP A 10 -8.76 5.42 -20.26
N ASN A 11 -8.69 6.72 -20.04
CA ASN A 11 -7.81 7.55 -20.84
C ASN A 11 -6.63 7.96 -20.08
N ASN A 12 -6.83 8.22 -18.79
CA ASN A 12 -5.76 8.80 -18.01
C ASN A 12 -4.97 7.71 -17.26
N VAL A 13 -3.79 8.13 -16.77
CA VAL A 13 -2.92 7.21 -16.08
C VAL A 13 -2.63 7.77 -14.67
N ILE A 14 -2.89 6.91 -13.69
CA ILE A 14 -2.49 7.24 -12.31
C ILE A 14 -1.00 7.24 -12.14
N ARG A 15 -0.52 8.32 -11.52
CA ARG A 15 0.88 8.53 -11.20
C ARG A 15 0.88 9.00 -9.77
N GLY A 16 1.06 8.04 -8.87
CA GLY A 16 0.77 8.27 -7.45
C GLY A 16 1.74 7.71 -6.45
N VAL A 17 1.50 8.11 -5.20
CA VAL A 17 2.20 7.56 -4.09
C VAL A 17 1.24 7.20 -3.02
N ASN A 18 1.64 6.21 -2.24
CA ASN A 18 0.94 5.85 -1.00
C ASN A 18 1.36 6.79 0.06
N LEU A 19 0.42 7.15 0.95
CA LEU A 19 0.81 7.93 2.13
C LEU A 19 0.90 6.93 3.30
N GLY A 20 1.81 5.99 3.09
CA GLY A 20 1.93 4.89 3.99
C GLY A 20 2.68 5.28 5.28
N GLY A 21 2.52 4.47 6.31
CA GLY A 21 3.22 4.71 7.55
C GLY A 21 2.57 5.86 8.39
N TRP A 22 1.45 6.42 7.90
CA TRP A 22 0.83 7.60 8.50
C TRP A 22 -0.24 7.15 9.48
N PHE A 23 -1.36 6.60 8.94
CA PHE A 23 -2.43 6.16 9.83
C PHE A 23 -2.33 4.75 10.26
N VAL A 24 -1.41 4.00 9.68
CA VAL A 24 -1.18 2.65 10.21
C VAL A 24 0.34 2.57 10.34
N LEU A 25 0.83 2.36 11.57
CA LEU A 25 2.29 2.37 11.78
C LEU A 25 2.91 1.11 11.16
N GLU A 26 4.06 1.26 10.51
CA GLU A 26 4.78 0.14 9.92
C GLU A 26 6.22 0.31 10.41
N PRO A 27 6.67 -0.60 11.26
CA PRO A 27 8.01 -0.51 11.90
C PRO A 27 9.14 -0.18 10.90
N TYR A 28 9.10 -0.76 9.69
CA TYR A 28 10.21 -0.48 8.83
C TYR A 28 10.16 0.95 8.25
N MET A 29 9.00 1.56 8.31
CA MET A 29 8.82 2.89 7.75
C MET A 29 9.18 4.00 8.80
N THR A 30 8.79 3.74 10.05
CA THR A 30 9.07 4.66 11.20
C THR A 30 9.75 3.85 12.33
N PRO A 31 10.95 3.35 12.08
CA PRO A 31 11.59 2.54 13.11
C PRO A 31 11.83 3.31 14.42
N SER A 32 11.94 4.63 14.33
CA SER A 32 12.25 5.43 15.50
C SER A 32 11.10 5.32 16.51
N LEU A 33 9.88 5.04 16.04
CA LEU A 33 8.79 4.87 17.01
C LEU A 33 8.89 3.54 17.77
N PHE A 34 9.67 2.57 17.26
CA PHE A 34 9.73 1.22 17.82
C PHE A 34 11.07 0.96 18.48
N GLU A 35 12.13 1.55 17.94
CA GLU A 35 13.48 1.43 18.54
C GLU A 35 13.58 1.74 20.06
N PRO A 36 12.75 2.66 20.59
CA PRO A 36 12.96 2.88 22.05
C PRO A 36 12.68 1.64 22.94
N PHE A 37 11.97 0.63 22.42
CA PHE A 37 11.68 -0.58 23.15
C PHE A 37 12.79 -1.66 23.02
N GLN A 38 13.85 -1.36 22.29
CA GLN A 38 14.93 -2.32 22.18
C GLN A 38 15.77 -2.21 23.47
N ASN A 39 16.29 -3.34 23.93
CA ASN A 39 17.24 -3.42 25.03
C ASN A 39 18.61 -3.81 24.39
N GLY A 40 19.41 -2.79 24.11
CA GLY A 40 20.60 -2.94 23.25
C GLY A 40 20.30 -3.66 21.93
N ASN A 41 20.87 -4.86 21.76
CA ASN A 41 20.68 -5.65 20.52
C ASN A 41 19.52 -6.64 20.57
N ASP A 42 18.90 -6.71 21.72
CA ASP A 42 17.81 -7.60 21.93
C ASP A 42 16.52 -6.93 21.45
N GLN A 43 15.88 -7.53 20.44
CA GLN A 43 14.64 -6.94 19.87
C GLN A 43 13.38 -7.63 20.36
N SER A 44 13.55 -8.58 21.28
CA SER A 44 12.42 -9.42 21.70
C SER A 44 11.37 -8.62 22.48
N GLY A 45 11.72 -7.44 23.00
CA GLY A 45 10.80 -6.60 23.72
C GLY A 45 10.06 -5.52 22.88
N VAL A 46 10.35 -5.47 21.57
CA VAL A 46 9.82 -4.40 20.72
C VAL A 46 8.44 -4.82 20.24
N PRO A 47 7.42 -3.97 20.46
CA PRO A 47 6.05 -4.26 19.94
C PRO A 47 6.15 -4.50 18.40
N VAL A 48 5.45 -5.51 17.89
CA VAL A 48 5.64 -5.95 16.49
C VAL A 48 4.68 -5.23 15.57
N ASP A 49 3.75 -4.48 16.14
CA ASP A 49 2.76 -3.83 15.28
C ASP A 49 2.02 -2.75 16.02
N GLU A 50 1.18 -2.02 15.33
CA GLU A 50 0.49 -0.95 16.02
C GLU A 50 -0.43 -1.40 17.20
N TYR A 51 -1.05 -2.56 17.06
CA TYR A 51 -1.89 -3.07 18.11
C TYR A 51 -1.03 -3.18 19.38
N HIS A 52 0.12 -3.84 19.26
CA HIS A 52 0.99 -4.09 20.42
C HIS A 52 1.67 -2.80 20.90
N TRP A 53 1.96 -1.91 19.98
CA TRP A 53 2.61 -0.65 20.29
C TRP A 53 1.70 0.26 21.11
N THR A 54 0.46 0.48 20.67
CA THR A 54 -0.52 1.21 21.46
C THR A 54 -0.86 0.44 22.79
N GLN A 55 -0.87 -0.89 22.76
CA GLN A 55 -1.20 -1.63 24.00
C GLN A 55 -0.13 -1.44 25.07
N THR A 56 1.13 -1.57 24.66
CA THR A 56 2.31 -1.33 25.52
C THR A 56 2.36 0.11 26.08
N LEU A 57 2.07 1.10 25.23
CA LEU A 57 2.21 2.49 25.60
C LEU A 57 1.08 2.89 26.55
N GLY A 58 -0.09 2.23 26.38
CA GLY A 58 -1.32 2.68 27.06
C GLY A 58 -1.91 3.82 26.24
N LYS A 59 -3.17 4.12 26.48
CA LYS A 59 -3.92 5.07 25.64
C LYS A 59 -3.37 6.50 25.68
N GLU A 60 -3.06 7.04 26.87
CA GLU A 60 -2.53 8.40 26.94
C GLU A 60 -1.27 8.64 26.17
N ALA A 61 -0.27 7.81 26.41
CA ALA A 61 1.00 7.95 25.70
C ALA A 61 0.83 7.63 24.22
N ALA A 62 0.02 6.61 23.94
CA ALA A 62 -0.17 6.33 22.46
C ALA A 62 -0.73 7.52 21.71
N LEU A 63 -1.78 8.15 22.28
CA LEU A 63 -2.38 9.32 21.70
C LEU A 63 -1.39 10.50 21.63
N ARG A 64 -0.64 10.77 22.70
CA ARG A 64 0.33 11.86 22.63
C ARG A 64 1.30 11.63 21.47
N ILE A 65 1.80 10.40 21.37
CA ILE A 65 2.90 10.12 20.42
C ILE A 65 2.30 10.09 19.00
N LEU A 66 1.11 9.51 18.85
CA LEU A 66 0.47 9.47 17.53
C LEU A 66 0.02 10.82 17.05
N GLN A 67 -0.39 11.70 17.97
CA GLN A 67 -0.80 13.00 17.52
C GLN A 67 0.37 13.75 16.95
N LYS A 68 1.53 13.58 17.57
CA LYS A 68 2.73 14.25 17.11
C LYS A 68 3.08 13.64 15.71
N HIS A 69 3.02 12.32 15.59
CA HIS A 69 3.26 11.65 14.28
C HIS A 69 2.28 12.10 13.17
N TRP A 70 0.98 12.03 13.47
CA TRP A 70 -0.07 12.33 12.47
C TRP A 70 0.08 13.75 12.00
N SER A 71 0.40 14.67 12.95
CA SER A 71 0.49 16.08 12.64
C SER A 71 1.76 16.47 11.87
N THR A 72 2.78 15.57 11.75
CA THR A 72 4.06 16.02 11.15
C THR A 72 4.47 15.08 10.02
N TRP A 73 3.97 13.85 10.04
CA TRP A 73 4.53 12.85 9.04
C TRP A 73 4.17 13.24 7.62
N ILE A 74 2.89 13.60 7.43
CA ILE A 74 2.44 14.14 6.17
C ILE A 74 1.71 15.45 6.45
N THR A 75 2.07 16.50 5.70
CA THR A 75 1.38 17.76 5.84
C THR A 75 1.02 18.28 4.49
N GLU A 76 0.39 19.46 4.46
CA GLU A 76 0.10 20.07 3.19
C GLU A 76 1.31 20.24 2.29
N GLN A 77 2.50 20.48 2.90
CA GLN A 77 3.73 20.66 2.08
C GLN A 77 4.08 19.40 1.28
N ASP A 78 3.81 18.24 1.90
CA ASP A 78 3.88 16.99 1.14
C ASP A 78 3.01 16.95 -0.10
N PHE A 79 1.73 17.32 0.04
CA PHE A 79 0.85 17.37 -1.09
C PHE A 79 1.31 18.34 -2.14
N LYS A 80 1.82 19.50 -1.73
CA LYS A 80 2.43 20.42 -2.71
C LYS A 80 3.65 19.79 -3.49
N GLN A 81 4.57 19.18 -2.76
CA GLN A 81 5.73 18.51 -3.36
C GLN A 81 5.25 17.39 -4.31
N ILE A 82 4.26 16.63 -3.83
CA ILE A 82 3.75 15.52 -4.66
C ILE A 82 3.27 16.08 -5.99
N SER A 83 2.47 17.14 -5.93
CA SER A 83 2.03 17.80 -7.14
C SER A 83 3.18 18.34 -7.98
N ASN A 84 4.14 19.00 -7.33
CA ASN A 84 5.31 19.56 -8.00
C ASN A 84 6.10 18.55 -8.77
N LEU A 85 6.15 17.33 -8.23
CA LEU A 85 6.82 16.25 -8.88
C LEU A 85 6.05 15.57 -10.02
N GLY A 86 4.86 16.03 -10.38
CA GLY A 86 4.20 15.47 -11.54
C GLY A 86 3.23 14.33 -11.20
N LEU A 87 2.99 14.11 -9.92
CA LEU A 87 2.08 13.08 -9.46
C LEU A 87 0.69 13.68 -9.42
N ASN A 88 -0.30 12.84 -9.63
CA ASN A 88 -1.69 13.25 -9.73
C ASN A 88 -2.61 12.54 -8.72
N PHE A 89 -2.00 11.77 -7.80
CA PHE A 89 -2.78 10.83 -7.03
C PHE A 89 -2.09 10.39 -5.78
N VAL A 90 -2.88 10.19 -4.73
CA VAL A 90 -2.38 9.53 -3.54
C VAL A 90 -3.34 8.43 -3.07
N ARG A 91 -2.77 7.33 -2.53
CA ARG A 91 -3.56 6.29 -1.91
C ARG A 91 -3.38 6.42 -0.42
N ILE A 92 -4.47 6.41 0.34
CA ILE A 92 -4.36 6.75 1.77
C ILE A 92 -4.82 5.57 2.63
N PRO A 93 -3.88 4.77 3.16
CA PRO A 93 -4.26 3.67 4.01
C PRO A 93 -4.83 4.21 5.32
N ILE A 94 -5.85 3.53 5.83
CA ILE A 94 -6.30 3.82 7.17
C ILE A 94 -6.81 2.52 7.82
N GLY A 95 -6.69 2.40 9.14
CA GLY A 95 -7.12 1.14 9.81
C GLY A 95 -8.58 1.20 10.23
N TYR A 96 -9.22 0.06 10.39
CA TYR A 96 -10.62 0.08 10.81
C TYR A 96 -10.79 0.86 12.14
N TRP A 97 -9.74 0.80 13.00
CA TRP A 97 -9.83 1.40 14.34
C TRP A 97 -9.96 2.92 14.38
N ALA A 98 -9.63 3.58 13.26
CA ALA A 98 -9.93 5.01 13.12
C ALA A 98 -11.41 5.27 13.21
N PHE A 99 -12.21 4.24 12.93
CA PHE A 99 -13.64 4.46 12.87
C PHE A 99 -14.32 3.72 13.99
N GLN A 100 -13.90 2.50 14.24
CA GLN A 100 -14.61 1.69 15.23
C GLN A 100 -13.61 0.86 16.02
N LEU A 101 -13.68 0.88 17.36
CA LEU A 101 -12.88 -0.08 18.14
C LEU A 101 -13.60 -1.40 18.49
N LEU A 102 -12.91 -2.54 18.38
CA LEU A 102 -13.45 -3.75 19.03
C LEU A 102 -13.42 -3.53 20.55
N ASP A 103 -14.25 -4.29 21.28
CA ASP A 103 -14.14 -4.18 22.76
C ASP A 103 -12.70 -4.49 23.14
N ASN A 104 -12.13 -3.74 24.04
CA ASN A 104 -10.74 -4.06 24.41
C ASN A 104 -9.64 -3.83 23.36
N ASP A 105 -9.95 -3.27 22.19
CA ASP A 105 -8.87 -2.78 21.35
C ASP A 105 -7.97 -1.74 22.07
N PRO A 106 -6.64 -1.83 21.88
CA PRO A 106 -5.69 -0.84 22.44
C PRO A 106 -5.54 0.38 21.60
N TYR A 107 -5.98 0.33 20.30
CA TYR A 107 -5.83 1.46 19.40
C TYR A 107 -6.46 2.78 19.89
N VAL A 108 -5.87 3.88 19.47
CA VAL A 108 -6.40 5.22 19.71
C VAL A 108 -6.85 5.77 18.37
N GLN A 109 -7.78 6.73 18.47
CA GLN A 109 -8.47 7.35 17.32
C GLN A 109 -7.98 8.79 17.19
N GLY A 110 -8.37 9.46 16.10
CA GLY A 110 -7.98 10.82 15.89
C GLY A 110 -7.52 10.94 14.44
N GLN A 111 -7.39 9.78 13.77
CA GLN A 111 -6.90 9.81 12.39
C GLN A 111 -7.88 10.50 11.41
N VAL A 112 -9.18 10.36 11.69
CA VAL A 112 -10.20 10.94 10.76
C VAL A 112 -9.96 12.43 10.58
N GLN A 113 -9.59 13.14 11.66
CA GLN A 113 -9.30 14.60 11.51
C GLN A 113 -8.22 14.86 10.46
N TYR A 114 -7.19 14.00 10.45
CA TYR A 114 -6.11 14.21 9.50
C TYR A 114 -6.44 13.68 8.11
N LEU A 115 -7.19 12.59 8.06
CA LEU A 115 -7.70 12.15 6.78
C LEU A 115 -8.48 13.31 6.13
N GLU A 116 -9.35 13.97 6.89
CA GLU A 116 -10.16 15.04 6.30
C GLU A 116 -9.29 16.22 5.94
N LYS A 117 -8.27 16.54 6.74
CA LYS A 117 -7.37 17.60 6.31
C LYS A 117 -6.68 17.19 5.02
N ALA A 118 -6.26 15.90 4.89
CA ALA A 118 -5.62 15.44 3.63
C ALA A 118 -6.51 15.54 2.38
N LEU A 119 -7.81 15.29 2.56
CA LEU A 119 -8.67 15.34 1.39
C LEU A 119 -8.76 16.81 0.89
N GLY A 120 -8.74 17.75 1.83
CA GLY A 120 -8.69 19.18 1.48
C GLY A 120 -7.37 19.60 0.84
N TRP A 121 -6.28 19.04 1.33
CA TRP A 121 -5.01 19.33 0.74
C TRP A 121 -4.95 18.71 -0.64
N ALA A 122 -5.52 17.51 -0.81
CA ALA A 122 -5.56 16.93 -2.14
C ALA A 122 -6.37 17.87 -3.06
N ARG A 123 -7.51 18.37 -2.61
CA ARG A 123 -8.34 19.23 -3.47
C ARG A 123 -7.51 20.45 -3.87
N LYS A 124 -6.92 21.08 -2.87
CA LYS A 124 -6.10 22.29 -3.11
C LYS A 124 -5.00 22.06 -4.15
N ASN A 125 -4.47 20.84 -4.22
CA ASN A 125 -3.36 20.58 -5.07
C ASN A 125 -3.63 19.77 -6.30
N ASN A 126 -4.91 19.65 -6.65
CA ASN A 126 -5.36 18.91 -7.81
CA ASN A 126 -5.37 18.88 -7.81
C ASN A 126 -4.81 17.48 -7.75
N ILE A 127 -4.94 16.86 -6.59
CA ILE A 127 -4.52 15.43 -6.43
C ILE A 127 -5.79 14.59 -6.18
N ARG A 128 -5.92 13.44 -6.82
CA ARG A 128 -7.05 12.58 -6.54
C ARG A 128 -6.63 11.50 -5.50
N VAL A 129 -7.59 10.77 -4.94
CA VAL A 129 -7.34 9.93 -3.74
C VAL A 129 -8.08 8.62 -3.84
N TRP A 130 -7.45 7.54 -3.36
CA TRP A 130 -8.23 6.40 -2.93
C TRP A 130 -8.19 6.38 -1.42
N ILE A 131 -9.34 6.17 -0.81
CA ILE A 131 -9.33 5.79 0.59
C ILE A 131 -9.22 4.29 0.71
N ASP A 132 -8.22 3.80 1.46
CA ASP A 132 -7.95 2.36 1.49
C ASP A 132 -8.10 1.84 2.87
N LEU A 133 -9.07 0.94 3.06
CA LEU A 133 -9.19 0.25 4.38
C LEU A 133 -8.10 -0.79 4.51
N HIS A 134 -7.06 -0.45 5.28
CA HIS A 134 -5.79 -1.17 5.24
C HIS A 134 -5.74 -2.27 6.27
N GLY A 135 -6.65 -2.24 7.22
CA GLY A 135 -6.57 -3.24 8.26
C GLY A 135 -7.99 -3.44 8.75
N ALA A 136 -8.34 -4.71 8.80
CA ALA A 136 -9.64 -5.14 9.29
C ALA A 136 -9.49 -5.81 10.67
N PRO A 137 -10.57 -5.82 11.43
CA PRO A 137 -10.47 -6.53 12.73
C PRO A 137 -10.12 -7.99 12.59
N GLY A 138 -9.19 -8.43 13.43
CA GLY A 138 -8.73 -9.83 13.50
C GLY A 138 -7.61 -10.10 12.47
N SER A 139 -7.43 -9.11 11.60
CA SER A 139 -6.46 -9.08 10.46
C SER A 139 -6.87 -9.99 9.29
N GLN A 140 -6.81 -9.40 8.08
CA GLN A 140 -7.07 -10.10 6.83
C GLN A 140 -5.82 -10.74 6.24
N ASN A 141 -4.61 -10.57 6.86
CA ASN A 141 -3.41 -11.08 6.19
C ASN A 141 -2.25 -11.47 7.16
N GLY A 142 -2.40 -11.11 8.44
CA GLY A 142 -1.34 -11.32 9.42
C GLY A 142 -0.08 -10.51 9.18
N PHE A 143 -0.19 -9.46 8.37
CA PHE A 143 0.98 -8.58 8.16
C PHE A 143 0.98 -7.54 9.27
N ASP A 144 2.16 -7.05 9.64
CA ASP A 144 2.11 -5.96 10.65
C ASP A 144 1.34 -4.72 10.10
N ASN A 145 1.35 -4.55 8.77
CA ASN A 145 0.69 -3.40 8.19
C ASN A 145 -0.85 -3.52 8.18
N SER A 146 -1.38 -4.62 8.69
CA SER A 146 -2.86 -4.70 8.90
C SER A 146 -3.19 -4.15 10.30
N GLY A 147 -2.13 -3.92 11.10
CA GLY A 147 -2.31 -3.53 12.50
C GLY A 147 -1.97 -4.68 13.43
N LEU A 148 -2.19 -5.90 12.95
CA LEU A 148 -2.13 -7.07 13.83
C LEU A 148 -1.38 -8.22 13.16
N ARG A 149 -0.09 -8.33 13.49
CA ARG A 149 0.74 -9.36 12.86
C ARG A 149 0.40 -10.76 13.31
N ASP A 150 0.47 -11.70 12.37
CA ASP A 150 0.45 -13.14 12.67
C ASP A 150 -0.93 -13.62 13.16
N SER A 151 -1.97 -12.82 12.93
CA SER A 151 -3.39 -13.21 13.18
CA SER A 151 -3.36 -13.24 13.18
C SER A 151 -4.08 -13.25 11.83
N TYR A 152 -5.04 -14.15 11.64
CA TYR A 152 -5.68 -14.30 10.35
C TYR A 152 -7.17 -14.51 10.56
N ASN A 153 -7.79 -13.61 11.35
CA ASN A 153 -9.16 -13.80 11.85
C ASN A 153 -10.23 -12.86 11.31
N PHE A 154 -9.95 -12.24 10.17
CA PHE A 154 -10.93 -11.36 9.56
C PHE A 154 -12.26 -12.13 9.25
N GLN A 155 -12.19 -13.45 8.98
CA GLN A 155 -13.41 -14.18 8.62
C GLN A 155 -13.95 -14.96 9.81
N ASN A 156 -13.39 -14.68 10.95
CA ASN A 156 -13.76 -15.31 12.23
CA ASN A 156 -13.89 -15.37 12.10
C ASN A 156 -14.80 -14.47 12.92
N GLY A 157 -15.75 -15.12 13.59
CA GLY A 157 -16.65 -14.37 14.46
C GLY A 157 -17.40 -13.32 13.70
N ASP A 158 -17.48 -12.12 14.27
CA ASP A 158 -18.20 -11.01 13.64
C ASP A 158 -17.25 -10.07 12.90
N ASN A 159 -15.99 -10.47 12.73
CA ASN A 159 -15.03 -9.50 12.15
C ASN A 159 -15.34 -9.03 10.72
N THR A 160 -15.85 -9.92 9.88
CA THR A 160 -16.25 -9.45 8.54
C THR A 160 -17.38 -8.43 8.66
N GLN A 161 -18.41 -8.71 9.49
CA GLN A 161 -19.51 -7.73 9.62
C GLN A 161 -19.03 -6.37 10.17
N VAL A 162 -18.10 -6.40 11.15
CA VAL A 162 -17.54 -5.16 11.67
C VAL A 162 -16.82 -4.40 10.52
N THR A 163 -16.09 -5.13 9.68
CA THR A 163 -15.33 -4.52 8.56
C THR A 163 -16.36 -3.86 7.62
N LEU A 164 -17.44 -4.59 7.28
CA LEU A 164 -18.56 -3.95 6.51
C LEU A 164 -19.19 -2.69 7.15
N ASN A 165 -19.32 -2.72 8.44
CA ASN A 165 -19.92 -1.56 9.12
C ASN A 165 -18.97 -0.37 9.02
N VAL A 166 -17.66 -0.65 9.22
CA VAL A 166 -16.70 0.40 9.02
C VAL A 166 -16.72 0.92 7.59
N LEU A 167 -16.72 0.01 6.63
CA LEU A 167 -16.91 0.45 5.22
C LEU A 167 -18.16 1.33 5.00
N ASN A 168 -19.28 0.96 5.59
CA ASN A 168 -20.46 1.81 5.47
C ASN A 168 -20.24 3.21 5.98
N THR A 169 -19.49 3.32 7.08
CA THR A 169 -19.15 4.64 7.56
C THR A 169 -18.32 5.40 6.56
N ILE A 170 -17.29 4.74 5.98
CA ILE A 170 -16.41 5.38 4.97
C ILE A 170 -17.26 5.76 3.74
N PHE A 171 -18.19 4.89 3.36
CA PHE A 171 -18.98 5.13 2.18
C PHE A 171 -19.83 6.40 2.39
N LYS A 172 -20.42 6.55 3.58
CA LYS A 172 -21.28 7.70 3.87
C LYS A 172 -20.46 8.96 3.99
N LYS A 173 -19.34 8.89 4.67
CA LYS A 173 -18.55 10.09 4.80
C LYS A 173 -17.86 10.53 3.54
N TYR A 174 -17.32 9.58 2.80
CA TYR A 174 -16.33 9.87 1.69
C TYR A 174 -16.75 9.45 0.29
N GLY A 175 -17.90 8.80 0.16
CA GLY A 175 -18.31 8.24 -1.15
C GLY A 175 -19.43 9.10 -1.71
N GLY A 176 -19.71 10.22 -1.06
CA GLY A 176 -20.87 11.00 -1.54
C GLY A 176 -20.47 12.29 -2.22
N ASN A 177 -21.42 13.22 -2.28
CA ASN A 177 -21.12 14.43 -3.05
C ASN A 177 -20.00 15.30 -2.47
N GLU A 178 -19.79 15.31 -1.13
CA GLU A 178 -18.81 16.24 -0.55
CA GLU A 178 -18.82 16.21 -0.52
C GLU A 178 -17.42 16.05 -1.17
N TYR A 179 -17.05 14.81 -1.46
CA TYR A 179 -15.72 14.57 -1.98
C TYR A 179 -15.64 14.04 -3.38
N SER A 180 -16.67 14.26 -4.20
CA SER A 180 -16.71 13.63 -5.50
C SER A 180 -15.69 14.25 -6.44
N ASP A 181 -15.09 15.41 -6.08
CA ASP A 181 -13.97 15.95 -6.88
C ASP A 181 -12.58 15.48 -6.47
N VAL A 182 -12.48 14.67 -5.42
CA VAL A 182 -11.20 14.29 -4.81
C VAL A 182 -11.09 12.77 -4.80
N VAL A 183 -12.10 12.12 -4.23
CA VAL A 183 -12.07 10.66 -4.03
C VAL A 183 -12.51 9.96 -5.28
N ILE A 184 -11.53 9.27 -5.88
CA ILE A 184 -11.79 8.51 -7.13
C ILE A 184 -11.77 6.96 -6.87
N GLY A 185 -11.79 6.57 -5.60
CA GLY A 185 -11.91 5.15 -5.29
C GLY A 185 -11.98 4.89 -3.80
N ILE A 186 -12.78 3.94 -3.38
CA ILE A 186 -12.71 3.47 -2.00
C ILE A 186 -12.29 2.00 -2.10
N GLU A 187 -11.20 1.64 -1.43
CA GLU A 187 -10.68 0.28 -1.56
C GLU A 187 -11.21 -0.52 -0.34
N LEU A 188 -11.94 -1.60 -0.62
CA LEU A 188 -12.68 -2.28 0.44
C LEU A 188 -11.74 -2.89 1.46
N LEU A 189 -10.57 -3.35 1.01
CA LEU A 189 -9.68 -4.08 1.94
C LEU A 189 -8.33 -4.23 1.29
N ASN A 190 -7.28 -3.78 1.98
CA ASN A 190 -5.92 -3.91 1.48
C ASN A 190 -5.50 -5.40 1.64
N GLU A 191 -4.96 -6.02 0.57
CA GLU A 191 -4.32 -7.35 0.61
CA GLU A 191 -4.25 -7.29 0.70
C GLU A 191 -4.91 -8.38 1.57
N PRO A 192 -6.19 -8.71 1.35
CA PRO A 192 -6.65 -9.95 2.00
C PRO A 192 -5.80 -11.14 1.51
N LEU A 193 -5.33 -11.99 2.40
CA LEU A 193 -4.34 -12.96 1.99
C LEU A 193 -5.14 -14.17 1.50
N GLY A 194 -5.53 -14.11 0.22
CA GLY A 194 -6.46 -15.11 -0.37
C GLY A 194 -6.01 -16.54 -0.02
N PRO A 195 -4.68 -16.86 -0.10
CA PRO A 195 -4.30 -18.27 0.12
C PRO A 195 -4.74 -18.86 1.44
N VAL A 196 -5.01 -18.06 2.48
CA VAL A 196 -5.39 -18.56 3.82
C VAL A 196 -6.82 -18.25 4.15
N LEU A 197 -7.48 -17.53 3.27
CA LEU A 197 -8.89 -17.21 3.49
C LEU A 197 -9.86 -18.10 2.68
N ASN A 198 -11.15 -18.08 3.05
CA ASN A 198 -12.17 -18.70 2.27
C ASN A 198 -12.54 -17.72 1.14
N MET A 199 -12.18 -18.05 -0.09
CA MET A 199 -12.43 -17.06 -1.19
C MET A 199 -13.91 -16.81 -1.49
N ASP A 200 -14.72 -17.83 -1.35
CA ASP A 200 -16.14 -17.63 -1.50
C ASP A 200 -16.62 -16.56 -0.53
N LYS A 201 -16.17 -16.62 0.75
CA LYS A 201 -16.60 -15.64 1.74
C LYS A 201 -15.96 -14.24 1.45
N LEU A 202 -14.71 -14.23 0.96
CA LEU A 202 -14.10 -12.95 0.56
C LEU A 202 -14.87 -12.34 -0.61
N LYS A 203 -15.25 -13.16 -1.59
CA LYS A 203 -16.03 -12.60 -2.73
C LYS A 203 -17.31 -12.02 -2.27
N GLN A 204 -18.04 -12.74 -1.40
CA GLN A 204 -19.30 -12.22 -0.82
C GLN A 204 -19.13 -10.92 -0.05
N PHE A 205 -18.04 -10.85 0.72
CA PHE A 205 -17.69 -9.60 1.39
C PHE A 205 -17.49 -8.49 0.33
N PHE A 206 -16.75 -8.76 -0.71
CA PHE A 206 -16.55 -7.70 -1.71
C PHE A 206 -17.85 -7.30 -2.37
N LEU A 207 -18.75 -8.29 -2.58
CA LEU A 207 -19.99 -7.98 -3.27
C LEU A 207 -20.88 -7.17 -2.34
N ASP A 208 -20.89 -7.54 -1.06
CA ASP A 208 -21.59 -6.76 -0.02
C ASP A 208 -21.15 -5.30 0.05
N GLY A 209 -19.82 -5.10 0.02
CA GLY A 209 -19.24 -3.72 0.07
C GLY A 209 -19.64 -2.95 -1.20
N TYR A 210 -19.51 -3.56 -2.36
CA TYR A 210 -19.88 -2.93 -3.64
C TYR A 210 -21.37 -2.52 -3.55
N ASN A 211 -22.20 -3.46 -3.14
CA ASN A 211 -23.67 -3.18 -3.10
C ASN A 211 -24.06 -2.10 -2.08
N SER A 212 -23.43 -2.11 -0.90
CA SER A 212 -23.71 -1.10 0.13
CA SER A 212 -23.66 -1.11 0.14
C SER A 212 -23.28 0.27 -0.34
N LEU A 213 -22.13 0.36 -1.01
CA LEU A 213 -21.69 1.67 -1.42
C LEU A 213 -22.70 2.18 -2.46
N ARG A 214 -23.07 1.35 -3.43
CA ARG A 214 -23.94 1.87 -4.52
C ARG A 214 -25.30 2.22 -3.91
N GLN A 215 -25.74 1.45 -2.90
CA GLN A 215 -27.04 1.69 -2.28
CA GLN A 215 -27.00 1.66 -2.15
C GLN A 215 -27.07 3.04 -1.55
N THR A 216 -25.92 3.59 -1.15
CA THR A 216 -25.89 4.92 -0.60
C THR A 216 -26.10 6.01 -1.63
N GLY A 217 -26.14 5.67 -2.91
CA GLY A 217 -26.23 6.68 -3.96
C GLY A 217 -24.88 7.06 -4.50
N SER A 218 -23.84 6.39 -4.00
CA SER A 218 -22.47 6.69 -4.44
C SER A 218 -22.11 6.15 -5.82
N VAL A 219 -21.41 6.98 -6.59
CA VAL A 219 -20.96 6.56 -7.91
C VAL A 219 -19.43 6.37 -7.83
N THR A 220 -18.88 6.41 -6.64
CA THR A 220 -17.41 6.30 -6.48
C THR A 220 -16.90 4.93 -6.93
N PRO A 221 -15.77 4.89 -7.64
CA PRO A 221 -15.30 3.56 -7.98
C PRO A 221 -14.98 2.70 -6.74
N VAL A 222 -15.36 1.41 -6.84
CA VAL A 222 -14.97 0.36 -5.88
C VAL A 222 -13.61 -0.24 -6.28
N ILE A 223 -12.66 -0.24 -5.35
CA ILE A 223 -11.34 -0.82 -5.67
C ILE A 223 -11.25 -2.13 -4.92
N ILE A 224 -11.11 -3.19 -5.71
CA ILE A 224 -10.99 -4.53 -5.20
C ILE A 224 -9.54 -4.93 -5.26
N HIS A 225 -8.96 -5.24 -4.10
CA HIS A 225 -7.58 -5.71 -4.12
C HIS A 225 -7.60 -7.18 -4.66
N ASP A 226 -6.56 -7.56 -5.38
CA ASP A 226 -6.54 -8.89 -6.05
C ASP A 226 -6.34 -10.11 -5.13
N ALA A 227 -6.12 -9.86 -3.85
CA ALA A 227 -6.08 -10.89 -2.78
C ALA A 227 -5.04 -11.93 -3.11
N ALA A 228 -4.00 -11.48 -3.83
CA ALA A 228 -2.87 -12.36 -4.14
C ALA A 228 -3.22 -13.48 -5.15
N GLN A 229 -4.27 -13.26 -5.95
CA GLN A 229 -4.70 -14.28 -6.88
C GLN A 229 -3.95 -14.06 -8.18
N VAL A 230 -4.02 -15.05 -9.07
CA VAL A 230 -3.33 -14.95 -10.33
C VAL A 230 -4.01 -13.84 -11.17
N PHE A 231 -3.27 -13.26 -12.10
CA PHE A 231 -3.85 -12.30 -13.04
C PHE A 231 -5.10 -12.89 -13.70
N GLY A 232 -6.13 -12.08 -13.86
CA GLY A 232 -7.36 -12.57 -14.51
C GLY A 232 -8.37 -13.25 -13.62
N TYR A 233 -7.98 -13.52 -12.36
CA TYR A 233 -8.83 -14.31 -11.50
C TYR A 233 -10.18 -13.59 -11.30
N TRP A 234 -10.15 -12.25 -11.22
CA TRP A 234 -11.32 -11.41 -10.94
C TRP A 234 -12.08 -10.97 -12.20
N ASN A 235 -11.71 -11.51 -13.37
CA ASN A 235 -12.30 -11.03 -14.61
C ASN A 235 -13.78 -11.25 -14.69
N ASN A 236 -14.29 -12.28 -14.03
CA ASN A 236 -15.74 -12.46 -14.18
CA ASN A 236 -15.70 -12.69 -14.06
C ASN A 236 -16.50 -12.16 -12.87
N PHE A 237 -15.89 -11.32 -12.05
CA PHE A 237 -16.48 -10.89 -10.78
C PHE A 237 -16.76 -9.38 -10.90
N LEU A 238 -17.89 -8.93 -10.42
CA LEU A 238 -18.26 -7.48 -10.40
C LEU A 238 -18.17 -6.91 -11.85
N THR A 239 -19.02 -7.46 -12.73
CA THR A 239 -18.84 -7.15 -14.12
C THR A 239 -20.00 -6.34 -14.68
N VAL A 240 -19.69 -5.67 -15.79
CA VAL A 240 -20.71 -4.92 -16.57
C VAL A 240 -21.88 -5.85 -16.92
N ALA A 241 -21.60 -7.07 -17.34
CA ALA A 241 -22.70 -7.99 -17.69
C ALA A 241 -23.72 -8.21 -16.53
N GLU A 242 -23.26 -8.00 -15.28
CA GLU A 242 -24.10 -8.14 -14.11
C GLU A 242 -24.53 -6.80 -13.55
N GLY A 243 -24.36 -5.71 -14.32
CA GLY A 243 -24.74 -4.35 -13.86
C GLY A 243 -23.90 -3.83 -12.73
N GLN A 244 -22.71 -4.41 -12.61
CA GLN A 244 -21.75 -4.00 -11.55
C GLN A 244 -20.64 -3.20 -12.25
N TRP A 245 -20.55 -1.92 -11.90
CA TRP A 245 -19.81 -0.96 -12.76
C TRP A 245 -18.96 -0.03 -11.87
N ASN A 246 -18.01 0.65 -12.48
CA ASN A 246 -16.96 1.48 -11.77
C ASN A 246 -16.25 0.62 -10.74
N VAL A 247 -15.62 -0.45 -11.23
CA VAL A 247 -14.87 -1.38 -10.38
C VAL A 247 -13.45 -1.43 -10.94
N VAL A 248 -12.46 -1.31 -10.07
CA VAL A 248 -11.05 -1.30 -10.47
C VAL A 248 -10.35 -2.36 -9.64
N VAL A 249 -9.45 -3.13 -10.27
CA VAL A 249 -8.72 -4.13 -9.49
C VAL A 249 -7.38 -3.53 -9.17
N ASP A 250 -7.01 -3.64 -7.91
CA ASP A 250 -5.70 -3.16 -7.40
C ASP A 250 -4.77 -4.36 -7.30
N HIS A 251 -3.68 -4.36 -8.06
CA HIS A 251 -2.69 -5.40 -7.97
C HIS A 251 -1.45 -4.87 -7.25
N HIS A 252 -0.81 -5.67 -6.41
CA HIS A 252 0.45 -5.18 -5.79
C HIS A 252 1.58 -6.05 -6.29
N HIS A 253 2.76 -5.47 -6.47
CA HIS A 253 3.82 -6.26 -7.09
C HIS A 253 5.14 -5.94 -6.47
N TYR A 254 5.84 -7.01 -6.05
CA TYR A 254 7.24 -6.89 -5.55
C TYR A 254 8.00 -8.12 -5.95
N GLN A 255 9.33 -8.03 -5.87
CA GLN A 255 10.16 -9.20 -6.18
C GLN A 255 11.13 -9.48 -5.04
N VAL A 256 10.71 -9.24 -3.81
CA VAL A 256 11.62 -9.33 -2.71
C VAL A 256 11.19 -10.19 -1.57
N PHE A 257 9.98 -10.73 -1.62
CA PHE A 257 9.43 -11.44 -0.43
C PHE A 257 9.50 -12.95 -0.54
N SER A 258 10.41 -13.43 -1.38
CA SER A 258 10.78 -14.86 -1.30
C SER A 258 12.20 -14.98 -1.78
N GLY A 259 12.86 -16.06 -1.39
CA GLY A 259 14.24 -16.35 -1.93
C GLY A 259 14.27 -16.46 -3.44
N GLY A 260 13.29 -17.16 -4.05
CA GLY A 260 13.29 -17.35 -5.49
C GLY A 260 13.23 -16.05 -6.22
N GLU A 261 12.38 -15.09 -5.76
CA GLU A 261 12.20 -13.87 -6.54
C GLU A 261 13.46 -12.99 -6.36
N LEU A 262 14.01 -13.00 -5.15
CA LEU A 262 15.26 -12.22 -4.94
C LEU A 262 16.39 -12.74 -5.79
N SER A 263 16.48 -14.08 -5.93
CA SER A 263 17.59 -14.73 -6.68
C SER A 263 17.72 -14.26 -8.14
N ARG A 264 16.69 -13.66 -8.66
CA ARG A 264 16.71 -13.25 -10.07
C ARG A 264 17.84 -12.30 -10.34
N ASN A 265 18.42 -12.46 -11.52
CA ASN A 265 19.41 -11.50 -11.97
C ASN A 265 18.58 -10.26 -12.40
N ILE A 266 19.24 -9.12 -12.67
CA ILE A 266 18.51 -7.90 -12.91
C ILE A 266 17.71 -8.02 -14.24
N ASN A 267 18.25 -8.71 -15.27
CA ASN A 267 17.47 -8.86 -16.47
C ASN A 267 16.15 -9.58 -16.23
N ASP A 268 16.19 -10.59 -15.35
CA ASP A 268 15.01 -11.44 -15.09
C ASP A 268 14.05 -10.64 -14.23
N HIS A 269 14.55 -9.82 -13.31
CA HIS A 269 13.64 -8.94 -12.54
C HIS A 269 12.96 -7.99 -13.54
N ILE A 270 13.67 -7.46 -14.54
CA ILE A 270 12.98 -6.58 -15.50
C ILE A 270 11.96 -7.39 -16.35
N SER A 271 12.33 -8.63 -16.75
CA SER A 271 11.38 -9.43 -17.54
C SER A 271 10.09 -9.69 -16.74
N VAL A 272 10.22 -9.96 -15.45
CA VAL A 272 9.04 -10.16 -14.62
C VAL A 272 8.20 -8.90 -14.53
N ALA A 273 8.85 -7.76 -14.38
CA ALA A 273 8.16 -6.43 -14.31
C ALA A 273 7.43 -6.21 -15.66
N CYS A 274 8.11 -6.46 -16.76
CA CYS A 274 7.44 -6.32 -18.06
C CYS A 274 6.20 -7.21 -18.14
N ASN A 275 6.37 -8.46 -17.71
CA ASN A 275 5.27 -9.40 -17.81
C ASN A 275 4.09 -9.01 -16.94
N TRP A 276 4.32 -8.36 -15.79
CA TRP A 276 3.15 -7.82 -15.05
C TRP A 276 2.32 -6.93 -15.97
N GLY A 277 3.00 -6.14 -16.79
CA GLY A 277 2.26 -5.25 -17.75
C GLY A 277 1.49 -5.99 -18.80
N TRP A 278 2.17 -6.91 -19.47
CA TRP A 278 1.46 -7.75 -20.41
C TRP A 278 0.27 -8.43 -19.80
N ASP A 279 0.44 -9.02 -18.61
CA ASP A 279 -0.69 -9.76 -18.04
C ASP A 279 -1.84 -8.86 -17.60
N ALA A 280 -1.53 -7.72 -16.94
CA ALA A 280 -2.54 -6.80 -16.57
C ALA A 280 -3.37 -6.30 -17.79
N LYS A 281 -2.72 -6.16 -18.93
CA LYS A 281 -3.40 -5.69 -20.17
C LYS A 281 -4.51 -6.67 -20.61
N LYS A 282 -4.34 -7.93 -20.27
CA LYS A 282 -5.27 -8.93 -20.68
C LYS A 282 -6.50 -8.92 -19.82
N GLU A 283 -6.46 -8.26 -18.67
CA GLU A 283 -7.59 -8.30 -17.73
C GLU A 283 -8.80 -7.50 -18.18
N SER A 284 -9.95 -7.92 -17.70
CA SER A 284 -11.17 -7.29 -18.14
C SER A 284 -11.53 -5.99 -17.35
N HIS A 285 -11.13 -5.82 -16.09
CA HIS A 285 -11.43 -4.59 -15.41
C HIS A 285 -10.30 -3.58 -15.58
N TRP A 286 -10.66 -2.31 -15.34
CA TRP A 286 -9.65 -1.28 -15.07
C TRP A 286 -8.81 -1.82 -13.92
N ASN A 287 -7.52 -1.49 -13.96
CA ASN A 287 -6.64 -2.01 -12.94
C ASN A 287 -5.46 -1.07 -12.76
N VAL A 288 -4.99 -0.98 -11.51
CA VAL A 288 -3.88 -0.05 -11.14
C VAL A 288 -2.94 -0.84 -10.23
N ALA A 289 -1.64 -0.58 -10.42
CA ALA A 289 -0.63 -1.18 -9.50
C ALA A 289 -0.56 -0.30 -8.24
N GLY A 290 -1.39 -0.66 -7.25
CA GLY A 290 -1.62 0.21 -6.13
C GLY A 290 -0.52 0.17 -5.07
N SER A 291 0.47 -0.74 -5.24
CA SER A 291 1.62 -0.77 -4.32
C SER A 291 2.71 -1.54 -5.01
N TRP A 292 3.95 -1.04 -4.96
CA TRP A 292 5.11 -1.60 -5.65
C TRP A 292 6.24 -0.76 -5.11
N SER A 293 7.51 -1.13 -5.36
CA SER A 293 8.55 -0.22 -4.88
C SER A 293 9.75 -0.42 -5.73
N ALA A 294 10.88 0.23 -5.34
CA ALA A 294 12.11 0.04 -6.10
C ALA A 294 12.93 -1.11 -5.55
N ALA A 295 12.44 -1.71 -4.48
CA ALA A 295 13.24 -2.69 -3.78
C ALA A 295 13.60 -3.90 -4.63
N LEU A 296 14.91 -4.16 -4.70
CA LEU A 296 15.43 -5.46 -5.24
C LEU A 296 15.92 -6.33 -4.13
N THR A 297 15.76 -5.89 -2.87
CA THR A 297 16.18 -6.69 -1.73
C THR A 297 15.10 -6.52 -0.67
N ASP A 298 15.13 -7.41 0.32
CA ASP A 298 14.30 -7.23 1.53
C ASP A 298 15.18 -6.76 2.72
N CYS A 299 16.19 -5.94 2.41
CA CYS A 299 17.17 -5.47 3.44
C CYS A 299 16.68 -4.46 4.42
N ALA A 300 15.63 -3.69 4.07
CA ALA A 300 15.26 -2.60 4.96
C ALA A 300 14.98 -3.17 6.38
N LYS A 301 15.51 -2.49 7.43
CA LYS A 301 15.38 -3.05 8.78
C LYS A 301 13.90 -3.28 9.03
N TRP A 302 13.57 -4.48 9.47
CA TRP A 302 12.20 -4.85 9.90
C TRP A 302 11.18 -4.88 8.72
N LEU A 303 11.66 -4.81 7.49
CA LEU A 303 10.69 -4.91 6.36
C LEU A 303 9.81 -6.21 6.55
N ASN A 304 10.41 -7.33 7.00
CA ASN A 304 9.66 -8.59 7.12
C ASN A 304 8.95 -8.67 8.48
N GLY A 305 9.20 -7.65 9.30
CA GLY A 305 8.62 -7.50 10.64
C GLY A 305 9.67 -7.22 11.70
N VAL A 306 9.25 -6.67 12.84
CA VAL A 306 10.17 -6.51 13.96
C VAL A 306 10.76 -7.86 14.33
N ASN A 307 12.06 -7.85 14.66
CA ASN A 307 12.75 -9.04 15.12
C ASN A 307 12.83 -10.15 14.08
N ARG A 308 12.78 -9.77 12.80
CA ARG A 308 13.03 -10.68 11.71
C ARG A 308 14.09 -10.10 10.81
N GLY A 309 14.93 -10.95 10.25
CA GLY A 309 16.01 -10.45 9.38
C GLY A 309 15.57 -10.43 7.94
N ALA A 310 16.56 -10.37 7.07
CA ALA A 310 16.35 -10.31 5.63
C ALA A 310 16.70 -11.62 4.95
N ARG A 311 15.83 -12.05 4.01
CA ARG A 311 16.16 -13.22 3.15
C ARG A 311 17.41 -12.93 2.30
N TYR A 312 17.59 -11.64 1.94
CA TYR A 312 18.63 -11.32 1.02
C TYR A 312 20.01 -11.73 1.57
N GLU A 313 20.17 -11.68 2.90
CA GLU A 313 21.44 -12.08 3.45
C GLU A 313 21.31 -13.43 4.19
N GLY A 314 20.33 -14.20 3.76
CA GLY A 314 20.23 -15.58 4.26
C GLY A 314 19.86 -15.52 5.74
N ALA A 315 18.99 -14.59 6.12
CA ALA A 315 18.70 -14.39 7.53
C ALA A 315 17.22 -14.42 7.83
N TYR A 316 16.46 -15.02 6.94
CA TYR A 316 15.00 -15.15 7.19
C TYR A 316 14.47 -16.24 6.30
N ASP A 317 13.49 -17.03 6.80
CA ASP A 317 12.66 -17.86 5.90
C ASP A 317 13.57 -18.96 5.19
N ASN A 318 14.72 -19.34 5.78
CA ASN A 318 15.68 -20.34 5.17
C ASN A 318 16.14 -20.00 3.81
N ALA A 319 16.06 -18.71 3.43
CA ALA A 319 16.50 -18.29 2.10
C ALA A 319 18.04 -18.40 2.01
N PRO A 320 18.56 -18.71 0.80
CA PRO A 320 20.03 -18.71 0.79
C PRO A 320 20.64 -17.27 0.72
N TYR A 321 21.79 -17.07 1.33
CA TYR A 321 22.48 -15.80 1.23
C TYR A 321 22.73 -15.35 -0.20
N ILE A 322 22.42 -14.08 -0.55
CA ILE A 322 22.80 -13.50 -1.80
C ILE A 322 23.88 -12.45 -1.60
N GLY A 323 23.62 -11.53 -0.67
CA GLY A 323 24.48 -10.42 -0.38
C GLY A 323 24.23 -9.84 0.97
N SER A 324 25.17 -9.01 1.43
CA SER A 324 25.04 -8.45 2.77
C SER A 324 24.16 -7.20 2.69
N CYS A 325 23.30 -6.99 3.70
CA CYS A 325 22.34 -5.88 3.71
C CYS A 325 22.97 -4.58 4.13
N GLN A 326 23.98 -4.66 5.00
CA GLN A 326 24.54 -3.44 5.59
C GLN A 326 24.94 -2.37 4.53
N PRO A 327 25.64 -2.76 3.44
CA PRO A 327 25.98 -1.73 2.46
C PRO A 327 24.80 -1.21 1.64
N LEU A 328 23.63 -1.86 1.73
CA LEU A 328 22.44 -1.45 0.93
C LEU A 328 21.47 -0.64 1.80
N LEU A 329 21.82 -0.45 3.05
CA LEU A 329 20.94 0.31 3.96
C LEU A 329 20.88 1.82 3.65
N ASP A 330 21.99 2.36 3.13
CA ASP A 330 22.11 3.78 2.86
C ASP A 330 22.46 3.96 1.40
N ILE A 331 21.66 4.75 0.72
CA ILE A 331 21.79 4.93 -0.68
C ILE A 331 23.14 5.57 -1.03
N SER A 332 23.73 6.31 -0.09
CA SER A 332 25.14 6.74 -0.33
C SER A 332 26.23 5.62 -0.26
N GLN A 333 25.89 4.43 0.20
CA GLN A 333 26.83 3.33 0.18
C GLN A 333 26.54 2.42 -1.01
N TRP A 334 25.47 2.68 -1.76
CA TRP A 334 25.14 1.75 -2.84
C TRP A 334 26.23 1.79 -3.89
N SER A 335 26.52 0.62 -4.43
CA SER A 335 27.38 0.47 -5.63
C SER A 335 26.74 1.13 -6.86
N ASP A 336 27.58 1.52 -7.82
CA ASP A 336 27.03 2.02 -9.07
C ASP A 336 26.15 0.96 -9.71
N GLU A 337 26.56 -0.32 -9.62
CA GLU A 337 25.72 -1.41 -10.13
C GLU A 337 24.31 -1.41 -9.46
N HIS A 338 24.27 -1.21 -8.15
CA HIS A 338 22.92 -1.24 -7.53
C HIS A 338 22.07 -0.04 -7.96
N LYS A 339 22.72 1.12 -8.13
CA LYS A 339 21.99 2.30 -8.57
C LYS A 339 21.43 2.08 -9.97
N THR A 340 22.24 1.49 -10.85
CA THR A 340 21.82 1.30 -12.19
C THR A 340 20.68 0.26 -12.25
N ASP A 341 20.81 -0.83 -11.50
CA ASP A 341 19.76 -1.90 -11.42
C ASP A 341 18.47 -1.23 -10.96
N THR A 342 18.60 -0.35 -9.96
CA THR A 342 17.40 0.29 -9.41
C THR A 342 16.70 1.17 -10.48
N ARG A 343 17.46 1.97 -11.24
CA ARG A 343 16.84 2.89 -12.20
C ARG A 343 16.18 2.03 -13.26
N ARG A 344 16.86 0.94 -13.66
CA ARG A 344 16.31 0.09 -14.69
C ARG A 344 14.98 -0.52 -14.23
N TYR A 345 14.97 -0.90 -12.97
CA TYR A 345 13.82 -1.63 -12.45
C TYR A 345 12.65 -0.69 -12.30
N ILE A 346 12.94 0.53 -11.79
CA ILE A 346 11.87 1.48 -11.63
C ILE A 346 11.27 1.84 -13.00
N GLU A 347 12.13 2.04 -14.00
CA GLU A 347 11.57 2.46 -15.31
C GLU A 347 10.74 1.31 -15.90
N ALA A 348 11.23 0.07 -15.78
CA ALA A 348 10.46 -1.04 -16.33
C ALA A 348 9.08 -1.17 -15.64
N GLN A 349 9.04 -0.99 -14.32
CA GLN A 349 7.75 -1.09 -13.63
C GLN A 349 6.86 0.06 -14.08
N LEU A 350 7.41 1.30 -14.15
CA LEU A 350 6.62 2.44 -14.66
C LEU A 350 5.97 2.13 -16.01
N ASP A 351 6.76 1.60 -16.97
CA ASP A 351 6.26 1.32 -18.30
C ASP A 351 5.15 0.25 -18.20
N ALA A 352 5.43 -0.82 -17.44
CA ALA A 352 4.44 -1.92 -17.27
C ALA A 352 3.13 -1.33 -16.67
N PHE A 353 3.26 -0.52 -15.63
CA PHE A 353 2.02 -0.11 -14.96
C PHE A 353 1.25 0.96 -15.72
N GLU A 354 2.00 1.84 -16.40
CA GLU A 354 1.35 2.76 -17.34
C GLU A 354 0.65 2.11 -18.53
N TYR A 355 0.96 0.84 -18.79
CA TYR A 355 0.33 0.16 -19.89
C TYR A 355 -1.15 -0.12 -19.58
N THR A 356 -1.53 -0.15 -18.29
CA THR A 356 -2.95 -0.15 -17.97
C THR A 356 -3.27 1.11 -17.15
N GLY A 357 -3.81 0.98 -15.97
CA GLY A 357 -4.30 2.18 -15.26
C GLY A 357 -3.32 3.08 -14.55
N GLY A 358 -2.08 2.65 -14.46
CA GLY A 358 -1.06 3.44 -13.79
C GLY A 358 -0.64 2.80 -12.47
N TRP A 359 -0.09 3.62 -11.56
CA TRP A 359 0.77 3.09 -10.49
C TRP A 359 0.82 3.98 -9.31
N VAL A 360 1.06 3.34 -8.13
CA VAL A 360 1.01 4.09 -6.86
C VAL A 360 2.16 3.53 -6.02
N PHE A 361 3.26 4.26 -5.99
CA PHE A 361 4.49 3.75 -5.39
C PHE A 361 4.34 3.64 -3.86
N TRP A 362 4.92 2.55 -3.32
CA TRP A 362 4.92 2.34 -1.87
C TRP A 362 6.37 2.68 -1.41
N SER A 363 6.60 3.86 -0.79
CA SER A 363 5.61 4.84 -0.38
C SER A 363 6.20 6.23 -0.57
N TRP A 364 5.43 7.27 -0.32
CA TRP A 364 5.94 8.63 -0.46
C TRP A 364 7.26 8.83 0.31
N LYS A 365 7.28 8.34 1.56
CA LYS A 365 8.43 8.62 2.44
C LYS A 365 8.62 7.54 3.46
N THR A 366 9.87 7.43 3.91
CA THR A 366 10.23 6.57 5.04
C THR A 366 11.27 7.34 5.83
N GLU A 367 11.47 6.93 7.07
CA GLU A 367 12.57 7.57 7.82
C GLU A 367 13.95 7.33 7.23
N ASN A 368 14.22 6.12 6.82
CA ASN A 368 15.58 5.76 6.44
CA ASN A 368 15.56 5.66 6.59
C ASN A 368 15.62 4.47 5.63
N ALA A 369 14.54 4.21 4.88
CA ALA A 369 14.54 3.04 4.03
C ALA A 369 14.41 3.51 2.58
N PRO A 370 15.56 3.69 1.87
CA PRO A 370 15.47 4.38 0.60
C PRO A 370 14.80 3.61 -0.54
N GLU A 371 14.82 2.27 -0.49
CA GLU A 371 14.16 1.49 -1.55
C GLU A 371 12.65 1.71 -1.58
N TRP A 372 12.09 2.25 -0.50
CA TRP A 372 10.68 2.36 -0.24
C TRP A 372 10.25 3.84 -0.08
N SER A 373 11.10 4.75 -0.56
CA SER A 373 10.81 6.20 -0.44
C SER A 373 10.86 6.87 -1.78
N PHE A 374 9.71 7.28 -2.30
CA PHE A 374 9.69 8.03 -3.54
C PHE A 374 10.56 9.33 -3.40
N GLN A 375 10.45 10.03 -2.28
CA GLN A 375 11.29 11.23 -2.06
C GLN A 375 12.76 10.94 -2.17
N THR A 376 13.28 9.93 -1.46
CA THR A 376 14.71 9.65 -1.45
C THR A 376 15.18 9.21 -2.82
N LEU A 377 14.41 8.30 -3.43
CA LEU A 377 14.80 7.80 -4.73
C LEU A 377 14.84 8.97 -5.76
N THR A 378 13.84 9.83 -5.72
CA THR A 378 13.81 11.02 -6.62
C THR A 378 15.03 11.91 -6.39
N TYR A 379 15.26 12.26 -5.14
CA TYR A 379 16.39 13.15 -4.77
C TYR A 379 17.71 12.53 -5.16
N ASN A 380 17.80 11.20 -5.21
CA ASN A 380 19.03 10.55 -5.68
C ASN A 380 19.11 10.22 -7.15
N GLY A 381 18.18 10.73 -7.95
CA GLY A 381 18.20 10.50 -9.40
C GLY A 381 17.86 9.10 -9.84
N LEU A 382 17.29 8.31 -8.95
CA LEU A 382 16.99 6.91 -9.34
C LEU A 382 15.55 6.76 -9.70
N PHE A 383 14.68 7.57 -9.11
CA PHE A 383 13.31 7.60 -9.64
C PHE A 383 13.24 8.70 -10.68
N PRO A 384 12.77 8.39 -11.95
CA PRO A 384 12.72 9.40 -13.02
C PRO A 384 12.03 10.67 -12.53
N GLN A 385 12.63 11.83 -12.84
CA GLN A 385 11.96 13.12 -12.57
C GLN A 385 12.33 14.00 -13.74
N PRO A 386 11.36 14.38 -14.54
CA PRO A 386 9.95 13.98 -14.50
C PRO A 386 9.78 12.45 -14.65
N VAL A 387 8.61 11.98 -14.18
CA VAL A 387 8.39 10.55 -14.10
C VAL A 387 8.32 9.87 -15.48
N THR A 388 8.26 10.63 -16.56
CA THR A 388 8.31 10.11 -17.92
C THR A 388 9.78 9.95 -18.45
N ASP A 389 10.78 10.53 -17.76
CA ASP A 389 12.19 10.47 -18.16
CA ASP A 389 12.17 10.46 -18.21
C ASP A 389 12.63 8.99 -18.25
N ARG A 390 13.39 8.64 -19.31
CA ARG A 390 13.91 7.24 -19.38
C ARG A 390 15.38 7.20 -19.73
N GLN A 391 16.17 6.65 -18.84
CA GLN A 391 17.59 6.36 -19.14
C GLN A 391 17.70 5.01 -19.84
N PHE A 392 16.68 4.20 -19.65
CA PHE A 392 16.60 2.79 -20.14
C PHE A 392 15.29 2.61 -20.89
N PRO A 393 15.15 3.31 -22.00
CA PRO A 393 13.84 3.34 -22.68
C PRO A 393 13.43 1.96 -23.27
N ASN A 394 12.16 1.66 -23.23
CA ASN A 394 11.60 0.50 -23.94
C ASN A 394 12.27 -0.82 -23.55
N GLN A 395 12.37 -1.04 -22.25
CA GLN A 395 12.80 -2.33 -21.80
C GLN A 395 11.77 -3.44 -22.05
N CYS A 396 10.49 -3.07 -22.21
CA CYS A 396 9.46 -4.08 -22.29
C CYS A 396 8.94 -4.35 -23.71
N GLY A 397 8.96 -3.35 -24.57
CA GLY A 397 8.48 -3.55 -25.95
C GLY A 397 6.97 -3.66 -26.02
N PHE A 398 6.27 -2.79 -25.31
CA PHE A 398 4.81 -2.92 -25.26
C PHE A 398 4.24 -2.42 -26.56
N HIS A 399 3.10 -2.98 -26.98
CA HIS A 399 2.50 -2.42 -28.17
C HIS A 399 1.06 -2.11 -28.05
C2 BGC B . 4.58 -11.48 -2.77
C3 BGC B . 4.31 -11.81 -1.28
C4 BGC B . 4.04 -13.33 -1.01
C5 BGC B . 4.86 -14.32 -1.90
C6 BGC B . 4.30 -15.78 -1.81
C1 BGC B . 5.39 -12.56 -3.52
O1 BGC B . 5.37 -12.33 -4.94
O2 BGC B . 5.17 -10.19 -2.92
O3 BGC B . 3.29 -10.93 -0.75
O4 BGC B . 4.27 -13.65 0.37
O5 BGC B . 4.87 -13.88 -3.26
O6 BGC B . 5.24 -16.83 -2.08
C2 BGC B . 3.03 -8.79 0.47
C3 BGC B . 3.87 -7.85 1.36
C4 BGC B . 4.10 -8.52 2.71
C5 BGC B . 4.78 -9.86 2.41
C6 BGC B . 4.97 -10.77 3.61
C1 BGC B . 3.83 -10.04 0.27
O2 BGC B . 2.66 -8.26 -0.80
O3 BGC B . 3.12 -6.68 1.60
O4 BGC B . 4.83 -7.65 3.58
O5 BGC B . 3.95 -10.60 1.55
O6 BGC B . 5.72 -11.88 3.14
C2 BGC B . 2.92 -4.24 1.35
C3 BGC B . 3.60 -2.89 1.62
C4 BGC B . 4.26 -3.03 2.99
C5 BGC B . 5.38 -4.11 2.85
C6 BGC B . 6.31 -4.07 4.07
C1 BGC B . 3.89 -5.46 1.57
O2 BGC B . 2.20 -4.21 0.09
O3 BGC B . 2.64 -1.85 1.59
O4 BGC B . 4.67 -1.76 3.46
O5 BGC B . 4.64 -5.35 2.80
O6 BGC B . 6.07 -5.08 5.02
C2 BGC C . -16.06 1.51 -19.81
C3 BGC C . -17.30 1.42 -18.91
C4 BGC C . -17.49 2.72 -18.10
C5 BGC C . -17.62 3.89 -19.11
C6 BGC C . -17.74 5.32 -18.54
C1 BGC C . -16.33 2.66 -20.77
O1 BGC C . -15.31 2.79 -21.76
O2 BGC C . -15.93 0.27 -20.45
O3 BGC C . -17.38 0.20 -18.15
O4 BGC C . -18.65 2.49 -17.35
O5 BGC C . -16.49 3.86 -19.99
O6 BGC C . -17.03 5.49 -17.32
C2 BGC C . -16.81 -0.49 -15.93
C3 BGC C . -15.59 -0.75 -15.03
C4 BGC C . -14.63 -1.75 -15.67
C5 BGC C . -14.20 -1.24 -17.06
C6 BGC C . -13.53 -2.38 -17.83
C1 BGC C . -16.27 0.03 -17.25
O2 BGC C . -17.67 0.52 -15.40
O3 BGC C . -16.11 -1.31 -13.85
O4 BGC C . -13.47 -2.00 -14.82
O5 BGC C . -15.39 -0.89 -17.83
O6 BGC C . -13.07 -1.91 -19.09
CA CA D . 18.18 -10.32 -7.59
#